data_5G35
#
_entry.id   5G35
#
_cell.length_a   53.170
_cell.length_b   53.170
_cell.length_c   131.307
_cell.angle_alpha   90.00
_cell.angle_beta   90.00
_cell.angle_gamma   90.00
#
_symmetry.space_group_name_H-M   'P 41'
#
loop_
_entity.id
_entity.type
_entity.pdbx_description
1 polymer RAD14
2 polymer "5'-D(*GP*CP*TP*CP*TP*AP*8PYP*TP*CP*AP*TP*CP*AP*CP)-3'"
3 polymer "5'-D(*GP*TP*GP*AP*TP*GP*AP*CP*GP*TP*AP*GP*AP*GP)-3'"
4 non-polymer 'ZINC ION'
5 water water
#
loop_
_entity_poly.entity_id
_entity_poly.type
_entity_poly.pdbx_seq_one_letter_code
_entity_poly.pdbx_strand_id
1 'polypeptide(L)'
;MAPKCIECHINIEMDPVLHDVFKLQVCKQCSKEHPEKYALLTKTECKEDYFLTDPELNDEDLFHRLEKPNPHSGTFARMQ
LFVRCEVEAFAFKKWGGEEGLDEEWQRREEGKAHRREKKYGSAWSHPQFEK
;
A,B
2 'polydeoxyribonucleotide' (DG)(DC)(DT)(DC)(DT)(DA)(DC)(8PY)(DT)(DC)(DA)(DT)(DC)(DA)(DC) C,E
3 'polydeoxyribonucleotide' (DG)(DT)(DG)(DA)(DT)(DG)(DA)(DC)(DG)(DT)(DA)(DG)(DA)(DG) D,F
#
loop_
_chem_comp.id
_chem_comp.type
_chem_comp.name
_chem_comp.formula
8PY DNA linking '[(2~{R},3~{S},5~{R})-5-[2-azanyl-8-[ethanoyl(pyren-2-yl)amino]-6-oxidanylidene-1~{H}-purin-9-yl]-3-oxidanyl-oxolan-2-yl]methyl dihydrogen phosphate' 'C28 H25 N6 O8 P'
DA DNA linking 2'-DEOXYADENOSINE-5'-MONOPHOSPHATE 'C10 H14 N5 O6 P'
DC DNA linking 2'-DEOXYCYTIDINE-5'-MONOPHOSPHATE 'C9 H14 N3 O7 P'
DG DNA linking 2'-DEOXYGUANOSINE-5'-MONOPHOSPHATE 'C10 H14 N5 O7 P'
DT DNA linking THYMIDINE-5'-MONOPHOSPHATE 'C10 H15 N2 O8 P'
ZN non-polymer 'ZINC ION' 'Zn 2'
#
# COMPACT_ATOMS: atom_id res chain seq x y z
N ALA A 2 4.78 45.19 16.79
CA ALA A 2 5.31 43.82 16.61
C ALA A 2 4.17 42.75 16.56
N PRO A 3 4.36 41.69 15.76
CA PRO A 3 3.37 40.61 15.70
C PRO A 3 3.23 39.85 17.06
N LYS A 4 1.99 39.63 17.51
CA LYS A 4 1.72 38.99 18.80
C LYS A 4 1.14 37.60 18.69
N CYS A 5 1.34 36.79 19.73
CA CYS A 5 0.71 35.52 19.81
C CYS A 5 -0.83 35.67 19.61
N ILE A 6 -1.41 34.85 18.73
CA ILE A 6 -2.85 34.83 18.52
C ILE A 6 -3.67 34.33 19.72
N GLU A 7 -3.08 33.66 20.71
CA GLU A 7 -3.87 33.28 21.94
C GLU A 7 -3.83 34.28 23.03
N CYS A 8 -2.60 34.67 23.47
CA CYS A 8 -2.46 35.62 24.59
C CYS A 8 -2.50 37.09 24.13
N HIS A 9 -2.09 37.41 22.91
CA HIS A 9 -1.94 38.78 22.43
C HIS A 9 -0.85 39.61 23.15
N ILE A 10 0.10 38.95 23.78
CA ILE A 10 1.13 39.58 24.58
C ILE A 10 2.52 39.23 24.11
N ASN A 11 2.82 37.92 24.02
CA ASN A 11 4.14 37.43 23.69
C ASN A 11 4.44 37.74 22.23
N ILE A 12 5.69 38.03 21.94
CA ILE A 12 6.12 38.25 20.57
C ILE A 12 7.06 37.15 20.03
N GLU A 13 7.44 36.20 20.87
CA GLU A 13 8.39 35.23 20.52
C GLU A 13 7.57 33.98 20.43
N MET A 14 7.46 33.44 19.24
CA MET A 14 6.60 32.30 19.00
C MET A 14 7.33 30.98 19.25
N ASP A 15 6.55 29.93 19.36
CA ASP A 15 7.10 28.64 19.63
C ASP A 15 7.75 28.26 18.30
N PRO A 16 9.04 27.88 18.32
CA PRO A 16 9.68 27.55 17.05
C PRO A 16 9.00 26.46 16.25
N VAL A 17 8.60 25.37 16.90
CA VAL A 17 7.97 24.30 16.20
C VAL A 17 6.61 24.64 15.63
N LEU A 18 5.71 25.16 16.47
CA LEU A 18 4.40 25.57 15.96
C LEU A 18 4.45 26.70 14.88
N HIS A 19 5.34 27.64 15.05
CA HIS A 19 5.53 28.70 14.09
C HIS A 19 6.14 28.15 12.78
N ASP A 20 7.33 27.61 12.85
CA ASP A 20 8.06 27.20 11.65
C ASP A 20 7.46 25.95 11.00
N VAL A 21 7.04 24.96 11.76
CA VAL A 21 6.55 23.79 11.11
C VAL A 21 5.10 23.93 10.84
N PHE A 22 4.28 24.39 11.80
CA PHE A 22 2.84 24.34 11.59
C PHE A 22 2.29 25.72 11.17
N LYS A 23 3.13 26.74 11.06
CA LYS A 23 2.67 28.13 10.61
C LYS A 23 1.62 28.75 11.57
N LEU A 24 1.73 28.45 12.84
CA LEU A 24 0.82 29.00 13.85
C LEU A 24 1.59 30.06 14.61
N GLN A 25 1.01 31.25 14.69
CA GLN A 25 1.61 32.37 15.45
C GLN A 25 1.32 32.25 16.95
N VAL A 26 1.87 31.21 17.57
CA VAL A 26 1.49 30.76 18.96
C VAL A 26 2.78 30.65 19.79
N CYS A 27 2.69 31.21 20.98
CA CYS A 27 3.81 31.19 21.88
C CYS A 27 3.84 29.83 22.61
N LYS A 28 5.02 29.46 23.12
CA LYS A 28 5.25 28.23 23.79
C LYS A 28 4.39 28.13 25.05
N GLN A 29 4.31 29.19 25.86
CA GLN A 29 3.45 29.10 27.10
C GLN A 29 1.94 28.77 26.71
N CYS A 30 1.49 29.38 25.65
CA CYS A 30 0.11 29.25 25.19
C CYS A 30 -0.14 27.87 24.56
N SER A 31 0.86 27.33 23.86
CA SER A 31 0.76 25.98 23.43
C SER A 31 0.53 25.03 24.61
N LYS A 32 1.28 25.20 25.70
CA LYS A 32 1.15 24.33 26.90
C LYS A 32 -0.18 24.52 27.64
N GLU A 33 -0.74 25.72 27.58
CA GLU A 33 -1.99 26.01 28.27
C GLU A 33 -3.21 25.52 27.46
N HIS A 34 -3.03 25.28 26.16
CA HIS A 34 -4.16 24.98 25.32
C HIS A 34 -3.80 23.73 24.50
N PRO A 35 -3.53 22.61 25.19
CA PRO A 35 -3.22 21.39 24.53
C PRO A 35 -4.40 20.92 23.66
N GLU A 36 -5.65 21.29 24.04
CA GLU A 36 -6.78 20.99 23.19
C GLU A 36 -6.63 21.56 21.78
N LYS A 37 -5.81 22.61 21.60
CA LYS A 37 -5.50 23.08 20.23
C LYS A 37 -4.12 22.70 19.73
N TYR A 38 -3.12 22.76 20.60
CA TYR A 38 -1.74 22.76 20.16
C TYR A 38 -0.94 21.48 20.45
N ALA A 39 -1.52 20.50 21.13
CA ALA A 39 -0.80 19.28 21.41
C ALA A 39 -0.38 18.61 20.09
N LEU A 40 0.75 17.91 20.09
CA LEU A 40 1.31 17.26 18.95
C LEU A 40 0.97 15.81 19.10
N LEU A 41 0.39 15.20 18.07
CA LEU A 41 -0.09 13.86 18.15
C LEU A 41 0.72 13.03 17.18
N THR A 42 1.08 11.83 17.61
CA THR A 42 1.72 10.92 16.67
C THR A 42 0.72 10.47 15.65
N LYS A 43 1.29 9.97 14.56
CA LYS A 43 0.55 9.28 13.59
C LYS A 43 -0.36 8.19 14.14
N THR A 44 0.19 7.29 14.96
CA THR A 44 -0.68 6.28 15.57
C THR A 44 -1.86 6.91 16.37
N GLU A 45 -1.60 7.99 17.13
CA GLU A 45 -2.71 8.60 17.90
C GLU A 45 -3.78 9.20 17.01
N CYS A 46 -3.41 9.81 15.87
CA CYS A 46 -4.36 10.29 14.89
C CYS A 46 -5.25 9.18 14.30
N LYS A 47 -4.69 8.03 14.08
CA LYS A 47 -5.52 6.91 13.67
C LYS A 47 -6.53 6.51 14.76
N GLU A 48 -6.04 6.32 15.97
CA GLU A 48 -6.85 5.79 17.11
C GLU A 48 -7.96 6.71 17.52
N ASP A 49 -7.60 7.97 17.74
CA ASP A 49 -8.49 9.01 18.26
C ASP A 49 -9.41 9.65 17.23
N TYR A 50 -8.94 9.81 16.00
CA TYR A 50 -9.72 10.53 15.00
C TYR A 50 -10.09 9.69 13.74
N PHE A 51 -9.59 8.47 13.68
CA PHE A 51 -9.96 7.49 12.62
C PHE A 51 -9.50 8.03 11.28
N LEU A 52 -8.32 8.66 11.26
CA LEU A 52 -7.79 9.18 9.99
C LEU A 52 -7.08 8.02 9.41
N THR A 53 -6.97 7.99 8.12
CA THR A 53 -6.26 6.86 7.44
C THR A 53 -4.84 7.25 6.96
N ASP A 54 -4.09 6.25 6.56
CA ASP A 54 -2.78 6.52 5.98
C ASP A 54 -2.84 7.41 4.77
N PRO A 55 -3.83 7.20 3.88
CA PRO A 55 -3.93 8.12 2.74
C PRO A 55 -4.13 9.59 3.21
N GLU A 56 -4.97 9.83 4.20
CA GLU A 56 -5.18 11.21 4.67
C GLU A 56 -3.89 11.80 5.37
N LEU A 57 -3.31 11.03 6.26
CA LEU A 57 -2.12 11.49 6.97
C LEU A 57 -0.87 11.57 6.20
N ASN A 58 -0.69 10.75 5.18
CA ASN A 58 0.46 10.85 4.28
C ASN A 58 0.29 11.93 3.22
N ASP A 59 -0.89 12.53 3.06
CA ASP A 59 -1.02 13.65 2.13
C ASP A 59 -0.24 14.88 2.67
N GLU A 60 0.89 15.17 2.04
CA GLU A 60 1.63 16.41 2.38
C GLU A 60 0.86 17.69 2.09
N ASP A 61 -0.10 17.65 1.18
CA ASP A 61 -0.94 18.82 0.91
C ASP A 61 -2.03 19.05 1.94
N LEU A 62 -2.30 18.06 2.78
CA LEU A 62 -3.38 18.15 3.77
C LEU A 62 -3.05 18.50 5.25
N PHE A 63 -1.90 18.06 5.75
CA PHE A 63 -1.43 18.41 7.11
C PHE A 63 0.03 18.78 7.12
N HIS A 64 0.37 19.71 7.98
CA HIS A 64 1.76 19.97 8.33
C HIS A 64 2.20 18.79 9.22
N ARG A 65 3.48 18.40 9.19
CA ARG A 65 3.93 17.39 10.07
C ARG A 65 5.38 17.65 10.46
N LEU A 66 5.71 17.26 11.67
CA LEU A 66 7.07 17.26 12.16
C LEU A 66 7.50 15.83 12.29
N GLU A 67 8.60 15.49 11.66
CA GLU A 67 9.22 14.18 11.75
C GLU A 67 10.33 14.17 12.70
N LYS A 68 10.49 13.07 13.43
CA LYS A 68 11.58 12.88 14.38
C LYS A 68 12.04 11.43 14.31
N PRO A 69 13.25 11.15 14.77
CA PRO A 69 13.66 9.76 14.86
C PRO A 69 12.67 8.97 15.72
N ASN A 70 12.38 7.71 15.36
CA ASN A 70 11.53 6.85 16.18
C ASN A 70 12.17 6.68 17.55
N PRO A 71 11.45 7.02 18.65
CA PRO A 71 12.08 6.92 19.94
C PRO A 71 12.44 5.49 20.39
N HIS A 72 11.81 4.47 19.85
CA HIS A 72 12.20 3.09 20.13
C HIS A 72 13.48 2.70 19.43
N SER A 73 13.73 3.14 18.21
CA SER A 73 15.04 2.91 17.56
C SER A 73 15.10 3.77 16.29
N GLY A 74 16.25 4.39 16.09
CA GLY A 74 16.50 5.16 14.87
C GLY A 74 16.61 4.36 13.59
N THR A 75 16.58 3.02 13.68
CA THR A 75 16.46 2.16 12.50
C THR A 75 15.02 1.94 12.17
N PHE A 76 14.07 2.29 13.03
CA PHE A 76 12.64 2.11 12.72
C PHE A 76 12.12 3.32 11.97
N ALA A 77 10.94 3.19 11.40
CA ALA A 77 10.38 4.27 10.67
C ALA A 77 10.20 5.54 11.57
N ARG A 78 10.44 6.71 10.99
CA ARG A 78 10.39 7.96 11.67
C ARG A 78 8.99 8.27 12.24
N MET A 79 9.03 8.82 13.39
CA MET A 79 7.85 9.35 14.12
C MET A 79 7.36 10.64 13.42
N GLN A 80 6.06 10.75 13.19
CA GLN A 80 5.48 11.88 12.58
C GLN A 80 4.51 12.47 13.60
N LEU A 81 4.54 13.79 13.78
CA LEU A 81 3.75 14.52 14.75
C LEU A 81 2.87 15.57 14.02
N PHE A 82 1.60 15.58 14.37
CA PHE A 82 0.57 16.39 13.79
C PHE A 82 0.05 17.30 14.88
N VAL A 83 -0.39 18.48 14.53
CA VAL A 83 -0.95 19.42 15.50
C VAL A 83 -2.50 19.19 15.63
N ARG A 84 -2.98 19.10 16.89
CA ARG A 84 -4.29 18.72 17.17
C ARG A 84 -5.29 19.55 16.45
N CYS A 85 -5.13 20.86 16.42
CA CYS A 85 -6.13 21.68 15.78
C CYS A 85 -6.34 21.31 14.27
N GLU A 86 -5.30 20.91 13.56
CA GLU A 86 -5.45 20.60 12.11
C GLU A 86 -6.18 19.23 11.89
N VAL A 87 -5.62 18.22 12.54
CA VAL A 87 -6.18 16.87 12.61
C VAL A 87 -7.64 16.90 13.05
N GLU A 88 -7.90 17.57 14.17
CA GLU A 88 -9.23 17.62 14.66
C GLU A 88 -10.18 18.29 13.66
N ALA A 89 -9.77 19.41 13.03
CA ALA A 89 -10.67 20.09 12.11
C ALA A 89 -10.99 19.20 10.91
N PHE A 90 -10.00 18.48 10.40
CA PHE A 90 -10.23 17.54 9.29
C PHE A 90 -11.20 16.42 9.75
N ALA A 91 -11.00 15.88 10.95
CA ALA A 91 -11.79 14.79 11.39
C ALA A 91 -13.24 15.20 11.61
N PHE A 92 -13.46 16.39 12.13
CA PHE A 92 -14.78 16.98 12.20
C PHE A 92 -15.44 17.14 10.83
N LYS A 93 -14.77 17.71 9.81
CA LYS A 93 -15.36 17.72 8.46
C LYS A 93 -15.65 16.29 7.98
N LYS A 94 -14.73 15.38 8.30
CA LYS A 94 -14.88 13.98 7.89
C LYS A 94 -16.08 13.26 8.51
N TRP A 95 -16.20 13.27 9.83
CA TRP A 95 -17.22 12.46 10.49
C TRP A 95 -18.51 13.24 10.87
N GLY A 96 -18.53 14.57 10.65
CA GLY A 96 -19.66 15.48 11.06
C GLY A 96 -19.57 15.96 12.51
N GLY A 97 -18.53 16.72 12.83
CA GLY A 97 -18.38 17.29 14.19
C GLY A 97 -18.08 16.27 15.27
N GLU A 98 -17.87 16.74 16.52
CA GLU A 98 -17.52 15.89 17.65
C GLU A 98 -18.60 14.87 17.82
N GLU A 99 -19.86 15.23 17.52
CA GLU A 99 -21.00 14.30 17.58
C GLU A 99 -20.79 13.09 16.66
N GLY A 100 -20.58 13.37 15.38
CA GLY A 100 -20.20 12.36 14.37
C GLY A 100 -19.01 11.44 14.73
N LEU A 101 -17.92 12.06 15.15
CA LEU A 101 -16.75 11.36 15.62
C LEU A 101 -17.09 10.36 16.68
N ASP A 102 -17.74 10.82 17.76
CA ASP A 102 -18.21 9.92 18.84
C ASP A 102 -19.17 8.83 18.36
N GLU A 103 -19.99 9.11 17.35
CA GLU A 103 -20.85 8.04 16.79
C GLU A 103 -20.00 6.94 16.15
N GLU A 104 -19.05 7.40 15.33
CA GLU A 104 -18.10 6.53 14.69
C GLU A 104 -17.31 5.72 15.70
N TRP A 105 -16.96 6.31 16.84
CA TRP A 105 -16.27 5.59 17.93
C TRP A 105 -17.17 4.50 18.51
N GLN A 106 -18.44 4.85 18.77
CA GLN A 106 -19.50 3.89 19.12
C GLN A 106 -19.58 2.68 18.14
N ARG A 107 -19.75 2.97 16.84
CA ARG A 107 -19.85 1.95 15.75
C ARG A 107 -18.71 0.93 15.76
N ARG A 108 -17.48 1.42 15.92
CA ARG A 108 -16.31 0.55 15.91
C ARG A 108 -16.24 -0.33 17.15
N GLU A 109 -16.56 0.25 18.31
CA GLU A 109 -16.47 -0.48 19.58
C GLU A 109 -17.50 -1.62 19.60
N GLU A 110 -18.66 -1.34 19.02
CA GLU A 110 -19.65 -2.38 18.80
C GLU A 110 -19.07 -3.44 17.87
N GLY A 111 -18.46 -3.03 16.74
CA GLY A 111 -17.76 -3.97 15.84
C GLY A 111 -16.87 -4.94 16.61
N LYS A 112 -15.96 -4.36 17.39
CA LYS A 112 -15.03 -5.11 18.27
C LYS A 112 -15.66 -6.00 19.36
N ALA A 113 -16.79 -5.58 19.96
CA ALA A 113 -17.49 -6.39 20.97
C ALA A 113 -17.90 -7.73 20.37
N HIS A 114 -18.47 -7.68 19.15
CA HIS A 114 -18.82 -8.90 18.40
C HIS A 114 -17.67 -9.94 18.36
N ARG A 115 -16.50 -9.50 17.90
CA ARG A 115 -15.43 -10.39 17.43
C ARG A 115 -14.63 -11.05 18.56
N ALA B 2 24.35 -23.86 -34.37
CA ALA B 2 23.44 -22.79 -33.93
C ALA B 2 22.66 -23.15 -32.63
N PRO B 3 22.46 -22.17 -31.75
CA PRO B 3 21.70 -22.43 -30.56
C PRO B 3 20.19 -22.81 -30.90
N LYS B 4 19.68 -23.88 -30.29
CA LYS B 4 18.35 -24.34 -30.58
C LYS B 4 17.30 -24.26 -29.45
N CYS B 5 16.04 -24.26 -29.86
CA CYS B 5 14.94 -24.18 -29.02
C CYS B 5 15.00 -25.34 -27.98
N ILE B 6 14.87 -25.02 -26.69
CA ILE B 6 14.92 -26.06 -25.66
C ILE B 6 13.76 -27.05 -25.64
N GLU B 7 12.60 -26.74 -26.21
CA GLU B 7 11.48 -27.70 -26.33
C GLU B 7 11.62 -28.57 -27.52
N CYS B 8 11.81 -28.00 -28.72
CA CYS B 8 11.84 -28.82 -29.93
C CYS B 8 13.23 -29.30 -30.39
N HIS B 9 14.27 -28.57 -30.00
CA HIS B 9 15.59 -28.86 -30.40
C HIS B 9 15.82 -28.72 -31.89
N ILE B 10 15.00 -27.92 -32.57
CA ILE B 10 15.05 -27.78 -34.03
C ILE B 10 15.13 -26.34 -34.50
N ASN B 11 14.19 -25.48 -34.06
CA ASN B 11 14.19 -24.09 -34.47
C ASN B 11 15.37 -23.37 -33.86
N ILE B 12 15.78 -22.37 -34.61
CA ILE B 12 16.92 -21.53 -34.35
C ILE B 12 16.45 -20.10 -34.00
N GLU B 13 15.20 -19.77 -34.29
CA GLU B 13 14.69 -18.43 -34.16
C GLU B 13 13.78 -18.51 -32.98
N MET B 14 14.08 -17.80 -31.93
CA MET B 14 13.31 -17.83 -30.70
C MET B 14 12.14 -16.84 -30.73
N ASP B 15 11.16 -17.05 -29.86
CA ASP B 15 10.02 -16.14 -29.75
C ASP B 15 10.60 -14.85 -29.19
N PRO B 16 10.42 -13.69 -29.88
CA PRO B 16 11.09 -12.53 -29.34
C PRO B 16 10.68 -12.18 -27.90
N VAL B 17 9.41 -12.17 -27.59
CA VAL B 17 8.98 -11.89 -26.21
C VAL B 17 9.52 -12.89 -25.18
N LEU B 18 9.29 -14.19 -25.39
CA LEU B 18 9.83 -15.17 -24.44
C LEU B 18 11.34 -15.10 -24.32
N HIS B 19 12.05 -14.87 -25.40
CA HIS B 19 13.50 -14.79 -25.36
C HIS B 19 14.00 -13.45 -24.73
N ASP B 20 13.56 -12.34 -25.27
CA ASP B 20 13.99 -11.02 -24.85
C ASP B 20 13.55 -10.62 -23.47
N VAL B 21 12.27 -10.84 -23.14
CA VAL B 21 11.74 -10.43 -21.83
C VAL B 21 11.92 -11.53 -20.82
N PHE B 22 11.58 -12.77 -21.14
CA PHE B 22 11.55 -13.81 -20.11
C PHE B 22 12.84 -14.65 -20.11
N LYS B 23 13.76 -14.44 -21.05
CA LYS B 23 15.05 -15.19 -21.11
C LYS B 23 14.86 -16.70 -21.37
N LEU B 24 13.81 -17.07 -22.06
CA LEU B 24 13.59 -18.47 -22.43
C LEU B 24 13.98 -18.62 -23.91
N GLN B 25 14.87 -19.57 -24.17
CA GLN B 25 15.29 -19.92 -25.52
C GLN B 25 14.26 -20.87 -26.18
N VAL B 26 13.08 -20.35 -26.49
CA VAL B 26 11.88 -21.14 -26.89
C VAL B 26 11.29 -20.45 -28.08
N CYS B 27 10.93 -21.25 -29.07
CA CYS B 27 10.46 -20.79 -30.35
C CYS B 27 8.93 -20.52 -30.18
N LYS B 28 8.38 -19.73 -31.08
CA LYS B 28 7.00 -19.30 -31.00
C LYS B 28 6.07 -20.51 -31.16
N GLN B 29 6.33 -21.40 -32.11
CA GLN B 29 5.49 -22.57 -32.28
C GLN B 29 5.43 -23.43 -30.95
N CYS B 30 6.56 -23.58 -30.28
CA CYS B 30 6.65 -24.41 -29.13
C CYS B 30 5.91 -23.73 -27.99
N SER B 31 6.02 -22.41 -27.88
CA SER B 31 5.18 -21.75 -26.91
C SER B 31 3.69 -21.97 -27.14
N LYS B 32 3.23 -21.98 -28.36
CA LYS B 32 1.79 -22.18 -28.64
C LYS B 32 1.40 -23.61 -28.34
N GLU B 33 2.34 -24.53 -28.53
CA GLU B 33 2.06 -25.95 -28.23
C GLU B 33 2.14 -26.31 -26.74
N HIS B 34 2.80 -25.50 -25.90
CA HIS B 34 2.99 -25.82 -24.48
C HIS B 34 2.59 -24.65 -23.60
N PRO B 35 1.30 -24.29 -23.64
CA PRO B 35 0.75 -23.20 -22.85
C PRO B 35 0.88 -23.43 -21.34
N GLU B 36 0.86 -24.73 -20.97
CA GLU B 36 1.11 -25.13 -19.59
C GLU B 36 2.47 -24.66 -19.11
N LYS B 37 3.41 -24.34 -19.99
CA LYS B 37 4.68 -23.70 -19.57
C LYS B 37 4.81 -22.22 -19.93
N TYR B 38 4.34 -21.85 -21.13
CA TYR B 38 4.73 -20.57 -21.76
C TYR B 38 3.64 -19.55 -21.90
N ALA B 39 2.43 -19.85 -21.42
CA ALA B 39 1.30 -18.93 -21.50
C ALA B 39 1.58 -17.69 -20.67
N LEU B 40 1.14 -16.52 -21.17
CA LEU B 40 1.37 -15.26 -20.51
C LEU B 40 0.15 -14.96 -19.65
N LEU B 41 0.35 -14.63 -18.40
CA LEU B 41 -0.77 -14.48 -17.53
C LEU B 41 -0.83 -13.07 -17.07
N THR B 42 -2.01 -12.46 -17.05
CA THR B 42 -2.07 -11.13 -16.43
C THR B 42 -1.76 -11.18 -14.95
N LYS B 43 -1.50 -9.97 -14.39
CA LYS B 43 -1.37 -9.81 -12.97
C LYS B 43 -2.55 -10.33 -12.19
N THR B 44 -3.76 -9.99 -12.67
CA THR B 44 -4.95 -10.44 -12.04
C THR B 44 -5.13 -12.00 -12.06
N GLU B 45 -4.86 -12.64 -13.20
CA GLU B 45 -4.88 -14.13 -13.28
C GLU B 45 -3.90 -14.77 -12.30
N CYS B 46 -2.71 -14.16 -12.14
CA CYS B 46 -1.77 -14.69 -11.18
C CYS B 46 -2.28 -14.70 -9.74
N LYS B 47 -3.00 -13.66 -9.36
CA LYS B 47 -3.61 -13.64 -8.05
C LYS B 47 -4.72 -14.68 -7.96
N GLU B 48 -5.58 -14.73 -8.95
CA GLU B 48 -6.73 -15.68 -8.93
C GLU B 48 -6.35 -17.13 -8.98
N ASP B 49 -5.40 -17.46 -9.82
CA ASP B 49 -5.07 -18.85 -10.11
C ASP B 49 -4.02 -19.39 -9.14
N TYR B 50 -3.14 -18.53 -8.68
CA TYR B 50 -1.98 -18.98 -7.90
C TYR B 50 -1.83 -18.32 -6.51
N PHE B 51 -2.74 -17.43 -6.16
CA PHE B 51 -2.79 -16.74 -4.87
C PHE B 51 -1.46 -16.05 -4.58
N LEU B 52 -0.86 -15.42 -5.58
CA LEU B 52 0.35 -14.66 -5.31
C LEU B 52 -0.14 -13.32 -4.90
N THR B 53 0.67 -12.60 -4.16
CA THR B 53 0.28 -11.26 -3.67
C THR B 53 0.91 -10.15 -4.46
N ASP B 54 0.35 -8.96 -4.35
CA ASP B 54 1.01 -7.76 -4.94
C ASP B 54 2.47 -7.62 -4.56
N PRO B 55 2.82 -7.81 -3.27
CA PRO B 55 4.27 -7.76 -2.93
C PRO B 55 5.11 -8.81 -3.74
N GLU B 56 4.61 -10.01 -3.98
CA GLU B 56 5.45 -10.96 -4.78
C GLU B 56 5.57 -10.54 -6.30
N LEU B 57 4.43 -10.20 -6.89
CA LEU B 57 4.36 -9.85 -8.27
C LEU B 57 4.95 -8.56 -8.59
N ASN B 58 4.95 -7.61 -7.64
CA ASN B 58 5.62 -6.30 -7.81
C ASN B 58 7.15 -6.41 -7.57
N ASP B 59 7.64 -7.54 -7.06
CA ASP B 59 9.09 -7.72 -6.89
C ASP B 59 9.80 -7.91 -8.28
N GLU B 60 10.47 -6.84 -8.73
CA GLU B 60 11.28 -6.93 -9.95
C GLU B 60 12.42 -7.95 -9.90
N ASP B 61 12.86 -8.38 -8.71
CA ASP B 61 13.94 -9.38 -8.62
C ASP B 61 13.44 -10.84 -8.71
N LEU B 62 12.12 -10.99 -8.83
CA LEU B 62 11.51 -12.27 -8.68
C LEU B 62 10.78 -12.84 -9.90
N PHE B 63 10.11 -11.98 -10.66
CA PHE B 63 9.52 -12.40 -11.90
C PHE B 63 10.00 -11.49 -13.01
N HIS B 64 10.08 -12.01 -14.22
CA HIS B 64 10.33 -11.19 -15.36
C HIS B 64 8.90 -10.80 -15.70
N ARG B 65 8.68 -9.62 -16.27
CA ARG B 65 7.33 -9.22 -16.62
C ARG B 65 7.29 -8.40 -17.90
N LEU B 66 6.19 -8.50 -18.61
CA LEU B 66 6.01 -7.75 -19.82
C LEU B 66 4.82 -6.83 -19.61
N GLU B 67 5.04 -5.53 -19.75
CA GLU B 67 3.96 -4.56 -19.59
C GLU B 67 3.55 -4.11 -20.91
N LYS B 68 2.25 -3.81 -20.96
CA LYS B 68 1.56 -3.35 -22.15
C LYS B 68 0.49 -2.31 -21.72
N PRO B 69 0.07 -1.46 -22.64
CA PRO B 69 -1.06 -0.60 -22.32
C PRO B 69 -2.24 -1.44 -21.85
N ASN B 70 -3.01 -0.91 -20.89
CA ASN B 70 -4.21 -1.54 -20.43
C ASN B 70 -5.22 -1.56 -21.58
N PRO B 71 -5.77 -2.75 -21.92
CA PRO B 71 -6.56 -2.83 -23.10
C PRO B 71 -7.93 -2.20 -22.96
N HIS B 72 -8.40 -1.97 -21.73
CA HIS B 72 -9.62 -1.15 -21.51
C HIS B 72 -9.44 0.36 -21.78
N SER B 73 -8.26 0.92 -21.49
CA SER B 73 -7.96 2.34 -21.70
C SER B 73 -6.50 2.56 -21.35
N GLY B 74 -5.80 3.25 -22.24
CA GLY B 74 -4.45 3.69 -21.99
C GLY B 74 -4.24 4.72 -20.89
N THR B 75 -5.31 5.19 -20.29
CA THR B 75 -5.24 6.02 -19.11
C THR B 75 -5.29 5.17 -17.84
N PHE B 76 -5.55 3.88 -17.94
CA PHE B 76 -5.64 2.99 -16.75
C PHE B 76 -4.28 2.37 -16.55
N ALA B 77 -4.08 1.80 -15.37
CA ALA B 77 -2.84 1.16 -15.05
C ALA B 77 -2.39 0.13 -16.11
N ARG B 78 -1.09 0.08 -16.41
CA ARG B 78 -0.53 -0.83 -17.43
C ARG B 78 -0.79 -2.29 -17.11
N MET B 79 -1.16 -3.08 -18.14
CA MET B 79 -1.27 -4.51 -18.00
C MET B 79 0.11 -5.14 -17.76
N GLN B 80 0.19 -6.14 -16.88
CA GLN B 80 1.40 -6.83 -16.63
C GLN B 80 1.22 -8.31 -16.91
N LEU B 81 2.10 -8.86 -17.71
CA LEU B 81 2.06 -10.29 -18.18
C LEU B 81 3.28 -11.07 -17.63
N PHE B 82 3.03 -12.22 -17.03
CA PHE B 82 4.01 -13.05 -16.41
C PHE B 82 3.98 -14.36 -17.19
N VAL B 83 5.07 -15.09 -17.14
CA VAL B 83 5.13 -16.36 -17.84
C VAL B 83 4.82 -17.50 -16.85
N ARG B 84 3.95 -18.43 -17.27
CA ARG B 84 3.36 -19.41 -16.39
C ARG B 84 4.38 -20.26 -15.68
N CYS B 85 5.39 -20.76 -16.38
CA CYS B 85 6.44 -21.55 -15.71
C CYS B 85 7.09 -20.83 -14.51
N GLU B 86 7.34 -19.55 -14.61
CA GLU B 86 7.98 -18.88 -13.47
C GLU B 86 6.98 -18.73 -12.31
N VAL B 87 5.81 -18.19 -12.64
CA VAL B 87 4.69 -17.99 -11.69
C VAL B 87 4.26 -19.29 -10.97
N GLU B 88 4.09 -20.34 -11.76
CA GLU B 88 3.77 -21.62 -11.26
C GLU B 88 4.85 -22.21 -10.35
N ALA B 89 6.12 -22.17 -10.80
CA ALA B 89 7.23 -22.66 -10.00
C ALA B 89 7.28 -21.94 -8.64
N PHE B 90 7.21 -20.61 -8.61
CA PHE B 90 7.16 -19.84 -7.32
C PHE B 90 5.90 -20.21 -6.49
N ALA B 91 4.74 -20.41 -7.12
CA ALA B 91 3.54 -20.75 -6.37
C ALA B 91 3.59 -22.17 -5.74
N PHE B 92 4.16 -23.14 -6.45
CA PHE B 92 4.48 -24.45 -5.90
C PHE B 92 5.43 -24.37 -4.72
N LYS B 93 6.52 -23.60 -4.77
CA LYS B 93 7.36 -23.43 -3.58
C LYS B 93 6.51 -22.84 -2.42
N LYS B 94 5.73 -21.81 -2.69
CA LYS B 94 4.85 -21.21 -1.69
C LYS B 94 3.81 -22.12 -1.03
N TRP B 95 3.04 -22.86 -1.79
CA TRP B 95 1.89 -23.56 -1.25
C TRP B 95 2.18 -25.07 -1.00
N GLY B 96 3.34 -25.57 -1.47
CA GLY B 96 3.67 -27.02 -1.41
C GLY B 96 3.17 -27.81 -2.62
N GLY B 97 3.69 -27.48 -3.80
CA GLY B 97 3.34 -28.24 -5.01
C GLY B 97 1.89 -28.06 -5.44
N GLU B 98 1.54 -28.69 -6.58
CA GLU B 98 0.21 -28.58 -7.15
C GLU B 98 -0.82 -29.05 -6.14
N GLU B 99 -0.49 -30.06 -5.33
CA GLU B 99 -1.36 -30.55 -4.23
C GLU B 99 -1.77 -29.44 -3.20
N GLY B 100 -0.77 -28.87 -2.53
CA GLY B 100 -0.93 -27.68 -1.66
C GLY B 100 -1.70 -26.49 -2.26
N LEU B 101 -1.48 -26.19 -3.54
CA LEU B 101 -2.22 -25.14 -4.22
C LEU B 101 -3.71 -25.45 -4.29
N ASP B 102 -4.06 -26.68 -4.66
CA ASP B 102 -5.49 -27.11 -4.66
C ASP B 102 -6.11 -27.06 -3.26
N GLU B 103 -5.30 -27.36 -2.23
CA GLU B 103 -5.77 -27.26 -0.83
C GLU B 103 -6.12 -25.83 -0.51
N GLU B 104 -5.14 -24.94 -0.73
CA GLU B 104 -5.33 -23.51 -0.51
C GLU B 104 -6.56 -23.03 -1.26
N TRP B 105 -6.80 -23.56 -2.46
CA TRP B 105 -8.01 -23.27 -3.21
C TRP B 105 -9.29 -23.77 -2.48
N GLN B 106 -9.26 -25.03 -2.02
CA GLN B 106 -10.33 -25.62 -1.20
C GLN B 106 -10.70 -24.67 -0.03
N ARG B 107 -9.69 -24.28 0.74
CA ARG B 107 -9.84 -23.36 1.89
C ARG B 107 -10.61 -22.08 1.55
N ARG B 108 -10.22 -21.43 0.46
CA ARG B 108 -10.81 -20.12 0.16
C ARG B 108 -12.22 -20.22 -0.37
N GLU B 109 -12.51 -21.30 -1.10
CA GLU B 109 -13.85 -21.54 -1.61
C GLU B 109 -14.81 -21.83 -0.46
N GLU B 110 -14.31 -22.57 0.53
CA GLU B 110 -15.04 -22.78 1.78
C GLU B 110 -15.28 -21.46 2.52
N GLY B 111 -14.25 -20.62 2.66
CA GLY B 111 -14.39 -19.28 3.26
C GLY B 111 -15.51 -18.45 2.66
N LYS B 112 -15.55 -18.41 1.32
CA LYS B 112 -16.64 -17.77 0.55
C LYS B 112 -18.02 -18.41 0.79
N ALA B 113 -18.08 -19.76 0.83
CA ALA B 113 -19.31 -20.47 1.20
C ALA B 113 -19.75 -20.04 2.60
N HIS B 114 -18.82 -20.13 3.56
CA HIS B 114 -19.05 -19.63 4.94
C HIS B 114 -19.80 -18.29 4.96
N ARG B 115 -19.36 -17.33 4.14
CA ARG B 115 -19.97 -15.99 4.06
C ARG B 115 -21.24 -15.93 3.21
N ARG B 116 -21.48 -16.95 2.38
CA ARG B 116 -22.78 -17.18 1.71
C ARG B 116 -23.09 -16.09 0.66
P 8PY C 8 -2.87 -15.40 3.75
OP1 8PY C 8 -2.45 -16.86 3.72
O5' 8PY C 8 -4.45 -15.24 4.03
C5' 8PY C 8 -5.29 -15.21 2.90
C4' 8PY C 8 -6.28 -14.05 3.03
C3' 8PY C 8 -6.72 -13.60 1.67
O3' 8PY C 8 -7.84 -14.36 1.17
C2' 8PY C 8 -7.02 -12.14 1.84
C1' 8PY C 8 -6.64 -11.80 3.26
O4' 8PY C 8 -5.74 -12.88 3.62
N9 8PY C 8 -6.10 -10.41 3.14
C4 8PY C 8 -5.25 -10.07 2.16
C5 8PY C 8 -5.00 -8.62 2.32
N7 8PY C 8 -5.73 -8.16 3.35
C8 8PY C 8 -6.36 -9.27 3.76
N3 8PY C 8 -4.63 -10.76 1.20
C2 8PY C 8 -3.80 -10.07 0.42
N2 8PY C 8 -3.19 -10.73 -0.55
N1 8PY C 8 -3.53 -8.75 0.50
C6 8PY C 8 -4.07 -7.96 1.40
O6 8PY C 8 -3.82 -6.73 1.53
OP2 8PY C 8 -2.41 -14.66 2.51
N8 8PY C 8 -7.13 -9.08 4.84
C7 8PY C 8 -6.76 -9.40 6.09
C9 8PY C 8 -7.82 -9.35 7.14
O10 8PY C 8 -5.60 -9.69 6.38
C11 8PY C 8 -8.27 -8.40 4.70
C12 8PY C 8 -8.09 -7.15 5.20
C13 8PY C 8 -9.13 -6.29 5.22
C14 8PY C 8 -10.31 -6.78 4.72
C15 8PY C 8 -10.51 -8.07 4.21
C16 8PY C 8 -9.45 -8.94 4.20
C23 8PY C 8 -11.40 -5.84 4.74
C24 8PY C 8 -12.68 -6.27 4.22
C25 8PY C 8 -12.79 -7.57 3.74
C26 8PY C 8 -11.73 -8.47 3.73
C27 8PY C 8 -11.19 -4.48 5.25
C28 8PY C 8 -9.95 -4.08 5.75
C29 8PY C 8 -8.91 -4.99 5.73
C30 8PY C 8 -13.71 -5.35 4.25
C31 8PY C 8 -13.53 -4.08 4.74
C32 8PY C 8 -12.29 -3.64 5.24
P 8PY E 8 -14.80 2.32 6.59
OP1 8PY E 8 -16.22 2.73 6.80
O5' 8PY E 8 -14.45 1.05 7.48
C5' 8PY E 8 -13.35 1.14 8.35
C4' 8PY E 8 -12.93 -0.29 8.53
C3' 8PY E 8 -11.84 -0.45 9.56
O3' 8PY E 8 -12.44 -0.58 10.84
C2' 8PY E 8 -11.15 -1.71 9.10
C1' 8PY E 8 -11.53 -1.88 7.63
O4' 8PY E 8 -12.35 -0.76 7.31
N9 8PY E 8 -10.31 -1.89 6.84
C4 8PY E 8 -9.46 -0.88 6.80
C5 8PY E 8 -8.35 -1.27 5.92
N7 8PY E 8 -8.59 -2.52 5.49
C8 8PY E 8 -9.74 -2.84 6.13
N3 8PY E 8 -9.45 0.35 7.35
C2 8PY E 8 -8.42 1.20 7.11
N2 8PY E 8 -8.47 2.40 7.70
N1 8PY E 8 -7.38 0.89 6.32
C6 8PY E 8 -7.27 -0.29 5.71
O6 8PY E 8 -6.30 -0.57 4.97
OP2 8PY E 8 -13.78 3.41 6.79
N8 8PY E 8 -10.30 -4.03 5.82
C7 8PY E 8 -11.48 -4.00 5.18
C9 8PY E 8 -12.28 -5.25 5.01
O10 8PY E 8 -11.86 -2.97 4.70
C11 8PY E 8 -9.60 -5.20 5.93
C12 8PY E 8 -9.03 -5.52 4.72
C13 8PY E 8 -8.30 -6.66 4.54
C14 8PY E 8 -8.19 -7.50 5.60
C15 8PY E 8 -8.76 -7.24 6.84
C16 8PY E 8 -9.50 -6.06 7.01
C23 8PY E 8 -7.41 -8.71 5.39
C24 8PY E 8 -7.25 -9.64 6.51
C25 8PY E 8 -7.85 -9.33 7.71
C26 8PY E 8 -8.58 -8.15 7.87
C27 8PY E 8 -6.80 -9.00 4.09
C28 8PY E 8 -6.96 -8.09 3.08
C29 8PY E 8 -7.72 -6.94 3.31
C30 8PY E 8 -6.51 -10.77 6.27
C31 8PY E 8 -5.94 -11.01 5.01
C32 8PY E 8 -6.07 -10.15 3.92
ZN ZN G . 0.64 33.33 23.72
ZN ZN H . 10.72 -25.07 -30.46
#